data_3IMY
#
_entry.id   3IMY
#
_cell.length_a   68.996
_cell.length_b   68.996
_cell.length_c   130.861
_cell.angle_alpha   90.00
_cell.angle_beta   90.00
_cell.angle_gamma   120.00
#
_symmetry.space_group_name_H-M   'P 31 2 1'
#
loop_
_entity.id
_entity.type
_entity.pdbx_description
1 polymer 'Thyroid hormone receptor beta'
2 non-polymer '{4-[4-hydroxy-3-(1-methylethyl)benzyl]-3,5-dimethylphenoxy}acetic acid'
3 water water
#
_entity_poly.entity_id   1
_entity_poly.type   'polypeptide(L)'
_entity_poly.pdbx_seq_one_letter_code
;MEELQKSIGHKPEPTDEEWELIKTVTEAHVATNAQGSHWKQKRKFLPEDIGQAPIVNAPEGGKVDLEAFSHFTKIITPAI
TRVVDFAKKLPMF(CAS)ELPCEDQIILLKGCCMEIMSLRAAVRYDPESETLTLNGEMAVTRGQLKNGGLGVVSDAIFDL
GMSLSSFNLDDTEVALLQAVLLMSSDRPGLA(CAS)VERIEKYQDSFLLAFEHYINYRKHHVTHFWPKLLMKVTDLRMIG
A(CAS)HASRFLHMKVECPTELFPPLFLEVFED
;
_entity_poly.pdbx_strand_id   A
#
loop_
_chem_comp.id
_chem_comp.type
_chem_comp.name
_chem_comp.formula
B72 non-polymer '{4-[4-hydroxy-3-(1-methylethyl)benzyl]-3,5-dimethylphenoxy}acetic acid' 'C20 H24 O4'
#
# COMPACT_ATOMS: atom_id res chain seq x y z
N MET A 1 -11.78 -18.36 21.43
CA MET A 1 -12.32 -17.79 22.67
C MET A 1 -12.40 -16.26 22.57
N GLU A 2 -12.59 -15.76 21.36
CA GLU A 2 -12.40 -14.35 21.09
C GLU A 2 -13.42 -13.45 21.78
N GLU A 3 -14.69 -13.63 21.43
CA GLU A 3 -15.74 -12.75 21.92
C GLU A 3 -15.78 -12.62 23.45
N LEU A 4 -15.52 -13.72 24.12
CA LEU A 4 -15.57 -13.74 25.57
C LEU A 4 -14.43 -12.94 26.19
N GLN A 5 -13.23 -13.18 25.67
CA GLN A 5 -12.03 -12.47 26.11
C GLN A 5 -12.22 -10.96 25.95
N LYS A 6 -12.78 -10.55 24.82
CA LYS A 6 -13.09 -9.15 24.61
C LYS A 6 -14.02 -8.71 25.71
N SER A 7 -15.26 -9.20 25.68
CA SER A 7 -16.30 -8.79 26.61
C SER A 7 -15.77 -8.54 28.02
N ILE A 8 -14.95 -9.46 28.52
CA ILE A 8 -14.36 -9.22 29.84
C ILE A 8 -13.54 -7.96 29.77
N GLY A 9 -12.60 -7.91 28.84
CA GLY A 9 -11.84 -6.69 28.59
C GLY A 9 -10.37 -6.97 28.43
N HIS A 10 -10.04 -8.25 28.22
CA HIS A 10 -8.67 -8.64 27.94
C HIS A 10 -8.37 -8.21 26.50
N LYS A 11 -7.25 -7.55 26.28
CA LYS A 11 -6.83 -7.20 24.92
C LYS A 11 -5.82 -8.23 24.46
N PRO A 12 -6.31 -9.26 23.76
CA PRO A 12 -5.51 -10.46 23.44
C PRO A 12 -4.33 -10.14 22.54
N GLU A 13 -3.17 -10.63 22.94
CA GLU A 13 -1.98 -10.48 22.12
C GLU A 13 -1.78 -11.70 21.20
N PRO A 14 -0.83 -11.60 20.25
CA PRO A 14 -0.64 -12.66 19.27
C PRO A 14 -0.32 -14.04 19.86
N THR A 15 -0.95 -15.07 19.31
CA THR A 15 -0.61 -16.44 19.66
C THR A 15 0.72 -16.80 19.00
N ASP A 16 1.24 -17.98 19.31
CA ASP A 16 2.47 -18.46 18.70
C ASP A 16 2.29 -18.62 17.19
N GLU A 17 1.11 -19.02 16.76
CA GLU A 17 0.85 -19.19 15.34
C GLU A 17 0.87 -17.83 14.67
N GLU A 18 0.10 -16.92 15.27
CA GLU A 18 0.00 -15.56 14.79
C GLU A 18 1.37 -14.88 14.79
N TRP A 19 2.20 -15.18 15.77
CA TRP A 19 3.52 -14.57 15.78
C TRP A 19 4.32 -15.06 14.57
N GLU A 20 4.13 -16.32 14.22
CA GLU A 20 4.86 -16.90 13.11
C GLU A 20 4.44 -16.19 11.83
N LEU A 21 3.12 -16.08 11.67
CA LEU A 21 2.53 -15.39 10.53
C LEU A 21 3.04 -13.96 10.45
N ILE A 22 3.10 -13.30 11.60
CA ILE A 22 3.54 -11.92 11.68
C ILE A 22 4.98 -11.76 11.20
N LYS A 23 5.81 -12.73 11.52
CA LYS A 23 7.22 -12.68 11.13
C LYS A 23 7.37 -12.99 9.64
N THR A 24 6.54 -13.91 9.14
CA THR A 24 6.50 -14.19 7.70
C THR A 24 6.18 -12.94 6.88
N VAL A 25 5.07 -12.28 7.23
CA VAL A 25 4.64 -11.08 6.51
C VAL A 25 5.58 -9.89 6.72
N THR A 26 6.07 -9.71 7.93
CA THR A 26 6.95 -8.58 8.20
C THR A 26 8.19 -8.72 7.35
N GLU A 27 8.85 -9.87 7.45
CA GLU A 27 10.03 -10.17 6.63
C GLU A 27 9.76 -9.92 5.14
N ALA A 28 8.61 -10.38 4.66
CA ALA A 28 8.23 -10.19 3.26
C ALA A 28 8.15 -8.71 2.89
N HIS A 29 7.58 -7.93 3.79
CA HIS A 29 7.45 -6.51 3.54
C HIS A 29 8.85 -5.92 3.44
N VAL A 30 9.64 -6.13 4.48
CA VAL A 30 10.94 -5.49 4.64
C VAL A 30 11.94 -5.83 3.53
N ALA A 31 11.82 -7.03 2.96
CA ALA A 31 12.67 -7.44 1.86
C ALA A 31 12.35 -6.68 0.58
N THR A 32 11.06 -6.40 0.36
CA THR A 32 10.60 -5.80 -0.88
C THR A 32 10.33 -4.32 -0.68
N ASN A 33 10.86 -3.78 0.41
CA ASN A 33 10.60 -2.41 0.81
C ASN A 33 11.89 -1.62 0.91
N ALA A 34 12.13 -0.77 -0.10
CA ALA A 34 13.46 -0.20 -0.36
C ALA A 34 14.16 0.53 0.81
N GLN A 35 15.07 -0.16 1.50
CA GLN A 35 15.90 0.44 2.55
C GLN A 35 15.12 0.78 3.83
N GLY A 36 15.86 1.03 4.90
CA GLY A 36 15.25 1.26 6.20
C GLY A 36 16.15 1.90 7.23
N SER A 37 15.52 2.57 8.20
CA SER A 37 16.22 3.32 9.25
C SER A 37 17.07 4.43 8.65
N HIS A 38 17.09 4.48 7.32
CA HIS A 38 17.92 5.41 6.58
C HIS A 38 17.36 5.55 5.16
N TRP A 39 16.08 5.85 5.06
CA TRP A 39 15.46 6.09 3.76
C TRP A 39 15.52 7.59 3.45
N LYS A 40 15.76 8.39 4.49
CA LYS A 40 15.78 9.85 4.37
C LYS A 40 17.06 10.42 3.72
N GLN A 41 18.23 10.07 4.28
CA GLN A 41 19.49 10.53 3.69
C GLN A 41 19.57 10.06 2.25
N LYS A 42 18.90 8.93 1.98
CA LYS A 42 18.98 8.31 0.66
C LYS A 42 18.05 8.92 -0.39
N ARG A 43 17.14 9.81 0.04
CA ARG A 43 16.20 10.38 -0.91
C ARG A 43 16.79 11.57 -1.68
N LYS A 44 16.43 11.66 -2.96
CA LYS A 44 16.85 12.75 -3.83
C LYS A 44 15.64 13.57 -4.29
N PHE A 45 15.54 14.79 -3.78
CA PHE A 45 14.44 15.70 -4.08
C PHE A 45 14.34 16.08 -5.55
N LEU A 46 13.14 15.90 -6.11
CA LEU A 46 12.89 16.22 -7.50
C LEU A 46 12.96 17.73 -7.72
N PRO A 47 13.78 18.15 -8.70
CA PRO A 47 13.93 19.55 -9.09
C PRO A 47 12.59 20.28 -9.12
N GLU A 48 12.47 21.32 -8.30
CA GLU A 48 11.24 22.09 -8.15
C GLU A 48 10.67 22.64 -9.46
N ASP A 49 11.48 22.66 -10.51
CA ASP A 49 11.04 23.17 -11.80
C ASP A 49 10.38 22.07 -12.60
N ILE A 50 10.32 20.88 -12.02
CA ILE A 50 9.59 19.77 -12.64
C ILE A 50 8.21 19.64 -12.01
N GLY A 51 7.18 19.70 -12.85
CA GLY A 51 5.81 19.57 -12.37
C GLY A 51 5.19 20.83 -11.76
N GLN A 52 5.55 22.00 -12.27
CA GLN A 52 4.86 23.23 -11.88
C GLN A 52 3.60 23.39 -12.71
N LYS A 63 -4.28 19.11 -17.87
CA LYS A 63 -3.11 18.68 -18.64
C LYS A 63 -2.02 18.03 -17.77
N VAL A 64 -1.40 16.98 -18.33
CA VAL A 64 -0.31 16.28 -17.66
C VAL A 64 1.03 16.90 -18.07
N ASP A 65 1.78 17.39 -17.08
CA ASP A 65 3.15 17.85 -17.30
C ASP A 65 4.01 16.65 -17.63
N LEU A 66 4.38 16.50 -18.89
CA LEU A 66 5.04 15.28 -19.38
C LEU A 66 6.45 15.06 -18.83
N GLU A 67 7.13 16.14 -18.49
CA GLU A 67 8.46 16.03 -17.91
C GLU A 67 8.34 15.26 -16.59
N ALA A 68 7.39 15.67 -15.75
CA ALA A 68 7.12 14.98 -14.48
C ALA A 68 6.59 13.56 -14.69
N PHE A 69 5.61 13.44 -15.56
CA PHE A 69 5.04 12.14 -15.88
C PHE A 69 6.15 11.16 -16.22
N SER A 70 7.12 11.65 -16.97
CA SER A 70 8.21 10.81 -17.47
C SER A 70 9.07 10.26 -16.34
N HIS A 71 9.41 11.13 -15.39
CA HIS A 71 10.18 10.69 -14.24
C HIS A 71 9.47 9.61 -13.45
N PHE A 72 8.16 9.73 -13.33
CA PHE A 72 7.39 8.75 -12.55
C PHE A 72 7.32 7.44 -13.28
N THR A 73 7.28 7.48 -14.61
CA THR A 73 7.09 6.25 -15.37
C THR A 73 8.36 5.42 -15.45
N LYS A 74 9.50 6.05 -15.19
CA LYS A 74 10.77 5.33 -15.13
C LYS A 74 10.83 4.41 -13.91
N ILE A 75 10.29 4.87 -12.79
CA ILE A 75 10.44 4.12 -11.55
C ILE A 75 9.19 3.33 -11.19
N ILE A 76 8.16 3.47 -12.01
CA ILE A 76 6.88 2.85 -11.70
C ILE A 76 6.96 1.33 -11.84
N THR A 77 7.83 0.85 -12.73
CA THR A 77 7.96 -0.59 -12.93
C THR A 77 8.60 -1.29 -11.72
N PRO A 78 9.72 -0.75 -11.21
CA PRO A 78 10.32 -1.39 -10.04
C PRO A 78 9.40 -1.40 -8.81
N ALA A 79 8.68 -0.32 -8.57
CA ALA A 79 7.75 -0.26 -7.45
C ALA A 79 6.66 -1.30 -7.60
N ILE A 80 6.13 -1.45 -8.81
CA ILE A 80 5.17 -2.51 -9.09
C ILE A 80 5.76 -3.90 -8.84
N THR A 81 6.98 -4.14 -9.30
CA THR A 81 7.53 -5.47 -9.15
C THR A 81 7.77 -5.77 -7.66
N ARG A 82 8.11 -4.76 -6.89
CA ARG A 82 8.33 -4.98 -5.47
C ARG A 82 7.03 -5.38 -4.75
N VAL A 83 5.91 -4.87 -5.23
CA VAL A 83 4.61 -5.31 -4.73
C VAL A 83 4.33 -6.79 -5.05
N VAL A 84 4.65 -7.23 -6.26
CA VAL A 84 4.51 -8.64 -6.59
C VAL A 84 5.47 -9.49 -5.79
N ASP A 85 6.67 -8.96 -5.57
CA ASP A 85 7.67 -9.67 -4.79
C ASP A 85 7.13 -9.93 -3.40
N PHE A 86 6.41 -8.94 -2.87
CA PHE A 86 5.85 -9.08 -1.53
C PHE A 86 4.81 -10.19 -1.46
N ALA A 87 3.94 -10.26 -2.45
CA ALA A 87 2.92 -11.30 -2.43
C ALA A 87 3.58 -12.66 -2.61
N LYS A 88 4.63 -12.72 -3.42
CA LYS A 88 5.28 -13.99 -3.69
C LYS A 88 5.79 -14.62 -2.40
N LYS A 89 6.25 -13.78 -1.48
CA LYS A 89 6.80 -14.28 -0.22
C LYS A 89 5.74 -14.59 0.84
N LEU A 90 4.48 -14.74 0.41
CA LEU A 90 3.40 -15.12 1.33
C LEU A 90 2.76 -16.45 0.92
N PRO A 91 3.03 -17.52 1.68
CA PRO A 91 2.56 -18.87 1.32
C PRO A 91 1.07 -18.96 0.98
N MET A 92 0.23 -18.28 1.74
CA MET A 92 -1.20 -18.22 1.43
C MET A 92 -1.46 -17.71 0.01
N PHE A 93 -0.68 -16.75 -0.43
CA PHE A 93 -0.81 -16.25 -1.79
C PHE A 93 -0.49 -17.37 -2.78
N CAS A 94 0.52 -18.17 -2.44
CA CAS A 94 0.92 -19.27 -3.30
CB CAS A 94 2.28 -19.79 -2.91
C CAS A 94 -0.15 -20.35 -3.38
O CAS A 94 -0.28 -20.98 -4.36
SG CAS A 94 3.54 -18.52 -3.17
AS CAS A 94 4.01 -18.61 -5.37
CE1 CAS A 94 3.07 -17.22 -6.38
CE2 CAS A 94 5.93 -18.25 -5.48
N GLU A 95 -0.88 -20.52 -2.29
CA GLU A 95 -1.95 -21.51 -2.22
C GLU A 95 -3.11 -21.21 -3.16
N LEU A 96 -3.02 -20.09 -3.87
CA LEU A 96 -4.08 -19.69 -4.80
C LEU A 96 -3.74 -20.03 -6.26
N PRO A 97 -4.77 -20.10 -7.12
CA PRO A 97 -4.66 -20.37 -8.57
C PRO A 97 -4.08 -19.20 -9.37
N CYS A 98 -3.42 -19.51 -10.49
CA CYS A 98 -2.87 -18.49 -11.39
C CYS A 98 -3.79 -17.27 -11.51
N GLU A 99 -5.04 -17.52 -11.90
CA GLU A 99 -6.00 -16.47 -12.20
C GLU A 99 -6.36 -15.61 -10.98
N ASP A 100 -6.63 -16.24 -9.84
CA ASP A 100 -6.89 -15.46 -8.63
C ASP A 100 -5.67 -14.61 -8.26
N GLN A 101 -4.48 -15.20 -8.27
CA GLN A 101 -3.27 -14.43 -7.98
C GLN A 101 -3.18 -13.13 -8.79
N ILE A 102 -3.39 -13.21 -10.09
CA ILE A 102 -3.31 -12.03 -10.94
C ILE A 102 -4.41 -11.01 -10.61
N ILE A 103 -5.64 -11.48 -10.46
CA ILE A 103 -6.72 -10.59 -10.05
C ILE A 103 -6.37 -9.87 -8.73
N LEU A 104 -5.83 -10.61 -7.76
CA LEU A 104 -5.46 -10.00 -6.48
C LEU A 104 -4.38 -8.93 -6.63
N LEU A 105 -3.35 -9.21 -7.41
CA LEU A 105 -2.27 -8.23 -7.62
C LEU A 105 -2.73 -6.96 -8.31
N LYS A 106 -3.50 -7.11 -9.37
CA LYS A 106 -4.05 -5.96 -10.07
C LYS A 106 -4.93 -5.14 -9.13
N GLY A 107 -5.69 -5.84 -8.30
CA GLY A 107 -6.55 -5.19 -7.33
C GLY A 107 -5.83 -4.32 -6.30
N CYS A 108 -4.73 -4.82 -5.76
CA CYS A 108 -4.13 -4.18 -4.60
C CYS A 108 -2.93 -3.34 -4.97
N CYS A 109 -2.45 -3.46 -6.20
CA CYS A 109 -1.20 -2.81 -6.56
C CYS A 109 -1.12 -1.31 -6.23
N MET A 110 -2.10 -0.53 -6.66
CA MET A 110 -2.05 0.90 -6.39
C MET A 110 -2.29 1.19 -4.90
N GLU A 111 -3.05 0.34 -4.24
CA GLU A 111 -3.30 0.50 -2.81
C GLU A 111 -2.02 0.33 -1.99
N ILE A 112 -1.21 -0.67 -2.34
CA ILE A 112 0.01 -0.90 -1.58
C ILE A 112 1.09 0.11 -1.94
N MET A 113 1.22 0.43 -3.22
CA MET A 113 2.22 1.39 -3.63
C MET A 113 1.96 2.71 -2.93
N SER A 114 0.68 3.07 -2.84
CA SER A 114 0.22 4.32 -2.24
C SER A 114 0.40 4.33 -0.73
N LEU A 115 0.12 3.20 -0.09
CA LEU A 115 0.44 3.07 1.31
C LEU A 115 1.95 3.26 1.54
N ARG A 116 2.75 2.60 0.72
CA ARG A 116 4.21 2.68 0.81
C ARG A 116 4.73 4.09 0.61
N ALA A 117 4.10 4.84 -0.30
CA ALA A 117 4.47 6.22 -0.49
C ALA A 117 4.02 7.06 0.70
N ALA A 118 2.83 6.74 1.21
CA ALA A 118 2.24 7.48 2.32
C ALA A 118 3.07 7.44 3.61
N VAL A 119 3.57 6.27 3.97
CA VAL A 119 4.31 6.14 5.23
C VAL A 119 5.69 6.83 5.16
N ARG A 120 6.10 7.16 3.93
CA ARG A 120 7.35 7.88 3.74
C ARG A 120 7.04 9.35 3.50
N TYR A 121 5.98 9.82 4.14
CA TYR A 121 5.67 11.24 4.12
C TYR A 121 6.55 11.92 5.16
N ASP A 122 7.12 13.06 4.80
CA ASP A 122 7.93 13.81 5.73
C ASP A 122 7.42 15.25 5.83
N PRO A 123 6.92 15.63 7.02
CA PRO A 123 6.30 16.93 7.28
C PRO A 123 7.23 18.12 7.10
N GLU A 124 8.52 17.90 7.35
CA GLU A 124 9.51 18.97 7.21
C GLU A 124 9.55 19.47 5.77
N SER A 125 9.98 18.60 4.88
CA SER A 125 10.05 18.92 3.47
C SER A 125 8.67 18.94 2.83
N GLU A 126 7.67 18.45 3.56
CA GLU A 126 6.35 18.20 3.00
C GLU A 126 6.46 17.39 1.72
N THR A 127 7.16 16.27 1.78
CA THR A 127 7.29 15.40 0.62
C THR A 127 6.94 13.93 0.91
N LEU A 128 6.77 13.17 -0.17
CA LEU A 128 6.65 11.72 -0.11
C LEU A 128 7.84 11.14 -0.85
N THR A 129 8.22 9.92 -0.50
CA THR A 129 9.30 9.26 -1.20
C THR A 129 8.79 8.09 -2.03
N LEU A 130 9.11 8.09 -3.32
CA LEU A 130 8.70 7.05 -4.25
C LEU A 130 9.89 6.12 -4.57
N ASN A 131 9.61 4.82 -4.64
CA ASN A 131 10.65 3.81 -4.88
C ASN A 131 11.87 3.94 -3.96
N GLY A 132 11.68 4.57 -2.81
CA GLY A 132 12.75 4.67 -1.82
C GLY A 132 13.74 5.78 -2.10
N GLU A 133 13.73 6.29 -3.33
CA GLU A 133 14.69 7.29 -3.80
C GLU A 133 14.10 8.66 -4.06
N MET A 134 13.03 8.71 -4.85
CA MET A 134 12.51 9.97 -5.37
C MET A 134 11.54 10.66 -4.42
N ALA A 135 11.92 11.83 -3.92
CA ALA A 135 11.07 12.61 -3.01
C ALA A 135 10.36 13.79 -3.70
N VAL A 136 9.04 13.69 -3.82
CA VAL A 136 8.26 14.73 -4.50
C VAL A 136 7.30 15.45 -3.56
N THR A 137 6.81 16.61 -3.99
CA THR A 137 5.79 17.36 -3.25
C THR A 137 4.43 17.04 -3.84
N ARG A 138 3.38 17.47 -3.11
CA ARG A 138 2.00 17.30 -3.53
C ARG A 138 1.75 17.78 -4.96
N GLY A 139 2.06 19.06 -5.20
CA GLY A 139 1.91 19.67 -6.50
C GLY A 139 2.64 18.93 -7.62
N GLN A 140 3.86 18.47 -7.34
CA GLN A 140 4.59 17.74 -8.37
C GLN A 140 3.85 16.48 -8.76
N LEU A 141 3.49 15.67 -7.76
CA LEU A 141 2.86 14.38 -8.03
C LEU A 141 1.51 14.56 -8.72
N LYS A 142 0.73 15.53 -8.25
CA LYS A 142 -0.53 15.91 -8.86
C LYS A 142 -0.38 16.24 -10.36
N ASN A 143 0.51 17.19 -10.65
CA ASN A 143 0.71 17.67 -12.02
C ASN A 143 1.33 16.62 -12.93
N GLY A 144 2.08 15.70 -12.33
CA GLY A 144 2.76 14.66 -13.09
C GLY A 144 1.83 13.56 -13.55
N GLY A 145 0.54 13.67 -13.23
CA GLY A 145 -0.46 12.75 -13.74
C GLY A 145 -1.51 12.27 -12.76
N LEU A 146 -1.21 12.35 -11.47
CA LEU A 146 -2.08 11.78 -10.45
C LEU A 146 -3.29 12.64 -10.16
N GLY A 147 -3.19 13.91 -10.52
CA GLY A 147 -4.21 14.86 -10.12
C GLY A 147 -4.57 14.68 -8.65
N VAL A 148 -5.87 14.64 -8.39
CA VAL A 148 -6.40 14.56 -7.03
C VAL A 148 -5.97 13.30 -6.26
N VAL A 149 -5.56 12.26 -6.99
CA VAL A 149 -5.00 11.09 -6.34
C VAL A 149 -3.76 11.47 -5.55
N SER A 150 -3.04 12.48 -6.00
CA SER A 150 -1.92 12.98 -5.21
C SER A 150 -2.37 13.56 -3.87
N ASP A 151 -3.43 14.36 -3.88
CA ASP A 151 -3.93 14.92 -2.62
C ASP A 151 -4.28 13.81 -1.66
N ALA A 152 -4.90 12.77 -2.21
CA ALA A 152 -5.45 11.71 -1.38
C ALA A 152 -4.32 10.98 -0.68
N ILE A 153 -3.26 10.70 -1.44
CA ILE A 153 -2.07 10.09 -0.86
C ILE A 153 -1.39 11.02 0.14
N PHE A 154 -1.28 12.30 -0.18
CA PHE A 154 -0.62 13.23 0.75
C PHE A 154 -1.42 13.37 2.04
N ASP A 155 -2.74 13.53 1.91
CA ASP A 155 -3.57 13.60 3.11
C ASP A 155 -3.45 12.34 3.96
N LEU A 156 -3.37 11.18 3.31
CA LEU A 156 -3.28 9.92 4.05
C LEU A 156 -1.98 9.87 4.83
N GLY A 157 -0.88 10.21 4.15
CA GLY A 157 0.45 10.27 4.73
C GLY A 157 0.56 11.21 5.91
N MET A 158 -0.03 12.40 5.81
CA MET A 158 0.00 13.35 6.93
C MET A 158 -0.74 12.73 8.11
N SER A 159 -1.85 12.08 7.80
CA SER A 159 -2.74 11.55 8.81
C SER A 159 -2.13 10.33 9.52
N LEU A 160 -1.28 9.61 8.82
CA LEU A 160 -0.67 8.38 9.33
C LEU A 160 0.50 8.64 10.24
N SER A 161 1.00 9.88 10.24
CA SER A 161 2.13 10.26 11.06
C SER A 161 1.86 9.94 12.53
N SER A 162 0.64 10.26 12.95
CA SER A 162 0.21 10.08 14.33
C SER A 162 0.08 8.60 14.71
N PHE A 163 -0.11 7.75 13.70
CA PHE A 163 -0.35 6.32 13.96
C PHE A 163 0.94 5.62 14.34
N ASN A 164 2.07 6.25 14.00
CA ASN A 164 3.38 5.67 14.23
C ASN A 164 3.47 4.18 13.88
N LEU A 165 3.13 3.85 12.64
CA LEU A 165 3.18 2.46 12.20
C LEU A 165 4.62 1.89 12.24
N ASP A 166 4.75 0.59 12.43
CA ASP A 166 6.04 -0.07 12.23
C ASP A 166 6.00 -0.96 10.98
N ASP A 167 7.12 -1.57 10.63
CA ASP A 167 7.14 -2.38 9.42
C ASP A 167 6.09 -3.45 9.52
N THR A 168 5.88 -3.95 10.73
CA THR A 168 4.93 -5.03 10.90
C THR A 168 3.52 -4.52 10.64
N GLU A 169 3.21 -3.35 11.14
CA GLU A 169 1.89 -2.81 10.92
C GLU A 169 1.64 -2.51 9.45
N VAL A 170 2.64 -1.96 8.78
CA VAL A 170 2.53 -1.70 7.35
C VAL A 170 2.46 -3.03 6.55
N ALA A 171 3.20 -4.03 6.98
CA ALA A 171 3.13 -5.34 6.37
C ALA A 171 1.72 -5.92 6.45
N LEU A 172 1.13 -5.88 7.64
CA LEU A 172 -0.15 -6.51 7.86
C LEU A 172 -1.22 -5.83 7.04
N LEU A 173 -1.15 -4.51 7.07
CA LEU A 173 -2.05 -3.67 6.31
C LEU A 173 -1.97 -4.08 4.85
N GLN A 174 -0.76 -4.36 4.39
CA GLN A 174 -0.57 -4.77 3.01
C GLN A 174 -1.27 -6.10 2.74
N ALA A 175 -1.08 -7.08 3.62
CA ALA A 175 -1.71 -8.39 3.46
C ALA A 175 -3.24 -8.31 3.40
N VAL A 176 -3.83 -7.56 4.33
CA VAL A 176 -5.26 -7.27 4.31
C VAL A 176 -5.73 -6.69 2.96
N LEU A 177 -4.99 -5.72 2.44
CA LEU A 177 -5.26 -5.21 1.11
C LEU A 177 -5.18 -6.32 0.04
N LEU A 178 -4.12 -7.12 0.10
CA LEU A 178 -3.93 -8.21 -0.85
C LEU A 178 -5.10 -9.21 -0.89
N MET A 179 -5.49 -9.73 0.28
CA MET A 179 -6.56 -10.73 0.39
C MET A 179 -7.94 -10.11 0.39
N SER A 180 -8.30 -9.38 -0.66
CA SER A 180 -9.63 -8.82 -0.75
C SER A 180 -10.54 -9.67 -1.62
N SER A 181 -11.50 -10.36 -1.00
CA SER A 181 -12.37 -11.29 -1.72
C SER A 181 -13.46 -10.61 -2.56
N ASP A 182 -13.59 -9.30 -2.44
CA ASP A 182 -14.61 -8.57 -3.21
C ASP A 182 -14.11 -8.29 -4.62
N ARG A 183 -12.86 -8.66 -4.88
CA ARG A 183 -12.24 -8.37 -6.16
C ARG A 183 -13.06 -9.10 -7.23
N PRO A 184 -13.51 -8.36 -8.25
CA PRO A 184 -14.40 -9.00 -9.24
C PRO A 184 -13.66 -10.07 -10.03
N GLY A 185 -14.37 -11.14 -10.38
CA GLY A 185 -13.78 -12.20 -11.16
C GLY A 185 -13.05 -13.27 -10.35
N LEU A 186 -12.88 -13.02 -9.06
CA LEU A 186 -12.21 -13.99 -8.20
C LEU A 186 -12.91 -15.33 -8.25
N ALA A 187 -12.23 -16.39 -7.83
CA ALA A 187 -12.85 -17.70 -7.77
C ALA A 187 -12.64 -18.27 -6.38
N CAS A 188 -11.72 -17.64 -5.64
CA CAS A 188 -11.39 -17.99 -4.28
CB CAS A 188 -11.19 -19.46 -4.01
C CAS A 188 -12.08 -17.29 -3.11
O CAS A 188 -11.58 -17.34 -2.02
SG CAS A 188 -9.94 -20.25 -5.04
AS CAS A 188 -9.80 -22.12 -3.84
CE1 CAS A 188 -8.03 -22.94 -4.11
CE2 CAS A 188 -11.34 -23.24 -4.34
N VAL A 189 -13.22 -16.66 -3.36
CA VAL A 189 -13.88 -15.88 -2.33
C VAL A 189 -13.75 -16.45 -0.91
N GLU A 190 -14.34 -17.60 -0.65
CA GLU A 190 -14.29 -18.14 0.71
C GLU A 190 -12.86 -18.25 1.22
N ARG A 191 -11.94 -18.70 0.36
CA ARG A 191 -10.57 -18.92 0.81
C ARG A 191 -9.80 -17.64 1.03
N ILE A 192 -9.99 -16.70 0.13
CA ILE A 192 -9.39 -15.39 0.30
C ILE A 192 -9.94 -14.71 1.56
N GLU A 193 -11.22 -14.89 1.85
CA GLU A 193 -11.76 -14.39 3.12
C GLU A 193 -11.19 -15.08 4.34
N LYS A 194 -10.94 -16.38 4.26
CA LYS A 194 -10.34 -17.06 5.41
C LYS A 194 -8.97 -16.43 5.67
N TYR A 195 -8.22 -16.17 4.59
CA TYR A 195 -6.88 -15.60 4.73
C TYR A 195 -6.88 -14.18 5.34
N GLN A 196 -7.75 -13.31 4.83
CA GLN A 196 -7.83 -11.96 5.32
C GLN A 196 -8.20 -11.93 6.80
N ASP A 197 -9.21 -12.70 7.16
CA ASP A 197 -9.65 -12.81 8.55
C ASP A 197 -8.46 -13.23 9.40
N SER A 198 -7.70 -14.16 8.89
CA SER A 198 -6.52 -14.60 9.59
C SER A 198 -5.55 -13.43 9.79
N PHE A 199 -5.36 -12.62 8.74
CA PHE A 199 -4.48 -11.46 8.89
C PHE A 199 -5.04 -10.41 9.85
N LEU A 200 -6.31 -10.07 9.69
CA LEU A 200 -6.95 -9.08 10.54
C LEU A 200 -6.87 -9.48 12.02
N LEU A 201 -6.84 -10.79 12.28
CA LEU A 201 -6.84 -11.28 13.64
C LEU A 201 -5.46 -11.15 14.25
N ALA A 202 -4.45 -11.46 13.47
CA ALA A 202 -3.08 -11.29 13.92
C ALA A 202 -2.80 -9.81 14.09
N PHE A 203 -3.36 -9.03 13.18
CA PHE A 203 -3.14 -7.59 13.15
C PHE A 203 -3.66 -6.96 14.44
N GLU A 204 -4.92 -7.22 14.78
CA GLU A 204 -5.50 -6.71 16.01
C GLU A 204 -4.74 -7.15 17.26
N HIS A 205 -4.30 -8.40 17.29
CA HIS A 205 -3.54 -8.87 18.45
C HIS A 205 -2.21 -8.17 18.51
N TYR A 206 -1.62 -7.92 17.35
CA TYR A 206 -0.37 -7.17 17.30
C TYR A 206 -0.57 -5.76 17.82
N ILE A 207 -1.73 -5.19 17.53
CA ILE A 207 -2.02 -3.84 18.02
C ILE A 207 -2.26 -3.82 19.53
N ASN A 208 -2.90 -4.84 20.08
CA ASN A 208 -3.13 -4.95 21.51
C ASN A 208 -1.79 -5.01 22.20
N TYR A 209 -0.92 -5.83 21.63
CA TYR A 209 0.43 -5.99 22.11
C TYR A 209 1.25 -4.68 22.03
N ARG A 210 1.07 -3.94 20.94
CA ARG A 210 1.81 -2.70 20.72
C ARG A 210 1.30 -1.57 21.65
N LYS A 211 0.02 -1.64 21.98
CA LYS A 211 -0.62 -0.63 22.84
C LYS A 211 -0.18 0.80 22.54
N HIS A 212 -0.55 1.27 21.34
CA HIS A 212 -0.41 2.66 20.99
C HIS A 212 -1.25 3.49 21.93
N HIS A 213 -0.79 4.69 22.21
CA HIS A 213 -1.56 5.61 23.03
C HIS A 213 -2.39 6.53 22.13
N VAL A 214 -3.22 5.88 21.32
CA VAL A 214 -4.23 6.53 20.51
C VAL A 214 -5.54 5.81 20.74
N THR A 215 -6.58 6.57 21.05
CA THR A 215 -7.87 6.00 21.37
C THR A 215 -8.59 5.46 20.12
N HIS A 216 -9.17 4.27 20.25
CA HIS A 216 -9.82 3.57 19.12
C HIS A 216 -8.86 3.35 17.98
N PHE A 217 -7.64 2.98 18.31
CA PHE A 217 -6.63 2.79 17.30
C PHE A 217 -7.11 1.85 16.21
N TRP A 218 -7.48 0.66 16.62
CA TRP A 218 -7.88 -0.37 15.68
C TRP A 218 -8.91 0.14 14.66
N PRO A 219 -10.10 0.51 15.13
CA PRO A 219 -11.11 1.02 14.20
C PRO A 219 -10.58 2.15 13.33
N LYS A 220 -9.70 2.98 13.87
CA LYS A 220 -9.16 4.10 13.11
C LYS A 220 -8.31 3.55 12.00
N LEU A 221 -7.55 2.52 12.33
CA LEU A 221 -6.76 1.85 11.33
C LEU A 221 -7.65 1.30 10.21
N LEU A 222 -8.68 0.54 10.56
CA LEU A 222 -9.58 -0.03 9.55
C LEU A 222 -10.11 1.00 8.55
N MET A 223 -10.36 2.23 9.02
CA MET A 223 -10.79 3.31 8.14
C MET A 223 -9.72 3.72 7.13
N LYS A 224 -8.46 3.55 7.53
CA LYS A 224 -7.38 3.77 6.59
C LYS A 224 -7.44 2.79 5.43
N VAL A 225 -7.73 1.52 5.71
CA VAL A 225 -7.88 0.53 4.64
C VAL A 225 -8.84 1.01 3.57
N THR A 226 -10.02 1.48 4.02
CA THR A 226 -11.06 1.96 3.14
C THR A 226 -10.57 3.08 2.23
N ASP A 227 -9.91 4.06 2.82
CA ASP A 227 -9.35 5.18 2.05
C ASP A 227 -8.32 4.73 1.01
N LEU A 228 -7.59 3.67 1.33
CA LEU A 228 -6.64 3.10 0.39
C LEU A 228 -7.38 2.47 -0.78
N ARG A 229 -8.52 1.84 -0.51
CA ARG A 229 -9.32 1.34 -1.61
C ARG A 229 -9.83 2.53 -2.44
N MET A 230 -10.21 3.61 -1.78
CA MET A 230 -10.67 4.80 -2.51
C MET A 230 -9.56 5.26 -3.42
N ILE A 231 -8.34 5.27 -2.91
CA ILE A 231 -7.19 5.70 -3.70
C ILE A 231 -7.00 4.80 -4.93
N GLY A 232 -7.02 3.49 -4.71
CA GLY A 232 -6.93 2.59 -5.83
C GLY A 232 -8.00 2.83 -6.88
N ALA A 233 -9.25 2.93 -6.45
CA ALA A 233 -10.39 3.07 -7.35
C ALA A 233 -10.23 4.34 -8.13
N CAS A 234 -9.67 5.32 -7.47
CA CAS A 234 -9.55 6.55 -8.11
CB CAS A 234 -10.73 7.41 -7.90
C CAS A 234 -8.45 6.74 -9.10
O CAS A 234 -8.51 7.49 -10.02
SG CAS A 234 -10.33 8.17 -6.32
AS CAS A 234 -10.17 10.13 -7.33
CE1 CAS A 234 -11.18 10.03 -9.05
CE2 CAS A 234 -10.96 10.98 -5.75
N HIS A 235 -7.40 6.00 -8.80
CA HIS A 235 -6.28 5.90 -9.68
C HIS A 235 -6.75 5.21 -10.96
N ALA A 236 -7.56 4.17 -10.82
CA ALA A 236 -8.17 3.55 -12.01
C ALA A 236 -8.79 4.62 -12.93
N SER A 237 -9.57 5.52 -12.36
CA SER A 237 -10.18 6.58 -13.15
C SER A 237 -9.14 7.58 -13.70
N ARG A 238 -8.11 7.89 -12.91
CA ARG A 238 -7.07 8.79 -13.37
C ARG A 238 -6.38 8.21 -14.58
N PHE A 239 -6.16 6.91 -14.54
CA PHE A 239 -5.47 6.20 -15.60
C PHE A 239 -6.20 6.36 -16.95
N LEU A 240 -7.52 6.23 -16.91
CA LEU A 240 -8.33 6.54 -18.08
C LEU A 240 -8.09 7.96 -18.57
N HIS A 241 -8.01 8.91 -17.64
CA HIS A 241 -7.79 10.29 -18.02
C HIS A 241 -6.42 10.46 -18.66
N MET A 242 -5.41 9.80 -18.09
CA MET A 242 -4.05 9.83 -18.63
C MET A 242 -4.00 9.25 -20.04
N LYS A 243 -4.63 8.09 -20.24
CA LYS A 243 -4.59 7.41 -21.53
C LYS A 243 -5.26 8.26 -22.60
N VAL A 244 -5.57 9.49 -22.24
CA VAL A 244 -6.10 10.44 -23.20
C VAL A 244 -5.21 11.68 -23.24
N GLU A 245 -4.62 12.02 -22.09
CA GLU A 245 -3.69 13.15 -22.01
C GLU A 245 -2.22 12.72 -22.19
N CYS A 246 -2.02 11.49 -22.65
CA CYS A 246 -0.71 10.94 -23.01
C CYS A 246 -1.04 9.74 -23.88
N PRO A 247 -0.08 9.29 -24.71
CA PRO A 247 -0.34 8.12 -25.57
C PRO A 247 0.29 6.85 -25.00
N THR A 248 -0.35 5.71 -25.24
CA THR A 248 0.09 4.41 -24.74
C THR A 248 1.61 4.28 -24.71
N GLU A 249 2.25 4.81 -25.75
CA GLU A 249 3.70 4.83 -25.89
C GLU A 249 4.43 5.16 -24.59
N LEU A 250 3.88 6.09 -23.80
CA LEU A 250 4.56 6.56 -22.61
C LEU A 250 4.46 5.58 -21.44
N PHE A 251 3.58 4.60 -21.57
CA PHE A 251 3.31 3.70 -20.45
C PHE A 251 4.11 2.43 -20.52
N PRO A 252 4.98 2.21 -19.51
CA PRO A 252 5.74 0.96 -19.40
C PRO A 252 4.82 -0.24 -19.55
N PRO A 253 5.34 -1.32 -20.13
CA PRO A 253 4.53 -2.48 -20.44
C PRO A 253 3.95 -3.11 -19.18
N LEU A 254 4.69 -3.06 -18.07
CA LEU A 254 4.19 -3.68 -16.85
C LEU A 254 3.05 -2.85 -16.29
N PHE A 255 3.27 -1.55 -16.26
CA PHE A 255 2.23 -0.62 -15.88
C PHE A 255 0.94 -0.92 -16.62
N LEU A 256 1.03 -1.19 -17.91
CA LEU A 256 -0.17 -1.45 -18.68
C LEU A 256 -0.76 -2.78 -18.28
N GLU A 257 0.12 -3.74 -18.03
CA GLU A 257 -0.33 -5.06 -17.62
C GLU A 257 -1.25 -4.92 -16.43
N VAL A 258 -0.76 -4.23 -15.41
CA VAL A 258 -1.44 -4.20 -14.12
C VAL A 258 -2.73 -3.39 -14.12
N PHE A 259 -2.71 -2.22 -14.74
CA PHE A 259 -3.80 -1.28 -14.58
C PHE A 259 -4.86 -1.25 -15.66
N GLU A 260 -4.66 -1.95 -16.76
CA GLU A 260 -5.77 -2.04 -17.71
C GLU A 260 -6.23 -3.45 -17.93
N ASP A 261 -7.53 -3.68 -17.76
CA ASP A 261 -8.11 -4.99 -18.00
C ASP A 261 -7.69 -5.53 -19.38
O1 B72 B . 7.95 2.26 -2.33
C20 B72 B . 7.39 2.24 -3.38
O2 B72 B . 6.81 1.02 -3.77
C19 B72 B . 6.73 3.52 -3.91
O3 B72 B . 5.88 3.26 -4.99
C1 B72 B . 5.24 4.32 -5.70
C2 B72 B . 5.82 4.72 -6.97
C3 B72 B . 5.23 5.73 -7.71
C17 B72 B . 5.84 6.13 -9.07
C4 B72 B . 3.98 6.38 -7.15
C5 B72 B . 3.40 6.01 -5.95
C6 B72 B . 4.04 4.94 -5.20
C18 B72 B . 2.13 6.70 -5.40
C7 B72 B . 3.38 7.55 -7.95
C8 B72 B . 2.49 7.06 -9.09
C13 B72 B . 2.50 7.80 -10.31
C12 B72 B . 1.63 7.38 -11.37
C14 B72 B . 1.64 8.12 -12.72
C16 B72 B . 1.82 9.63 -12.60
C15 B72 B . 2.60 7.42 -13.68
C11 B72 B . 0.75 6.27 -11.19
O4 B72 B . -0.11 5.93 -12.23
C10 B72 B . 0.75 5.53 -9.94
C9 B72 B . 1.60 5.92 -8.90
#